data_5CW1
#
_entry.id   5CW1
#
_cell.length_a   68.017
_cell.length_b   68.017
_cell.length_c   102.045
_cell.angle_alpha   90.00
_cell.angle_beta   90.00
_cell.angle_gamma   90.00
#
_symmetry.space_group_name_H-M   'P 43 21 2'
#
loop_
_entity.id
_entity.type
_entity.pdbx_description
1 polymer 'Proteinase K'
2 non-polymer 'SULFATE ION'
3 non-polymer 4-IODOPYRAZOLE
4 non-polymer 'IODIDE ION'
5 water water
#
_entity_poly.entity_id   1
_entity_poly.type   'polypeptide(L)'
_entity_poly.pdbx_seq_one_letter_code
;AAQTNAPWGLARISSTSPGTSTYYYDESAGQGSCVYVIDTGIEASHPEFEGRAQMVKTYYYSSRDGNGHGTHCAGTVGSR
TYGVAKKTQLFGVKVLDDNGSGQYSTIIAGMDFVASDKNNRNCPKGVVASLSLGGGYSSSVNSAAARLQSSGVMVAVAAG
NNNADARNYSPASEPSVCTVGASDRYDRRSSFSNYGSVLDIFGPGTDILSTWIGGSTRSISGTSMATPHVAGLAAYLMTL
GKTTAASACRYIADTANKGDLSNIPFGTVNLLAYNNYQA
;
_entity_poly.pdbx_strand_id   A
#
loop_
_chem_comp.id
_chem_comp.type
_chem_comp.name
_chem_comp.formula
IOD non-polymer 'IODIDE ION' 'I -1'
PYZ non-polymer 4-IODOPYRAZOLE 'C3 H3 I N2'
SO4 non-polymer 'SULFATE ION' 'O4 S -2'
#
# COMPACT_ATOMS: atom_id res chain seq x y z
N ALA A 1 16.35 9.49 10.74
CA ALA A 1 15.54 10.71 10.54
C ALA A 1 14.31 10.65 11.43
N ALA A 2 13.86 11.81 11.90
CA ALA A 2 12.68 11.91 12.75
C ALA A 2 11.73 12.96 12.18
N GLN A 3 10.49 12.56 11.99
CA GLN A 3 9.42 13.47 11.61
C GLN A 3 8.50 13.67 12.80
N THR A 4 8.51 14.85 13.41
CA THR A 4 7.65 15.08 14.56
C THR A 4 6.21 15.35 14.13
N ASN A 5 5.28 15.08 15.03
CA ASN A 5 3.84 15.25 14.79
C ASN A 5 3.44 14.60 13.47
N ALA A 6 3.92 13.38 13.27
CA ALA A 6 3.57 12.60 12.10
C ALA A 6 2.17 12.01 12.27
N PRO A 7 1.52 11.66 11.15
CA PRO A 7 0.28 10.91 11.27
C PRO A 7 0.49 9.65 12.11
N TRP A 8 -0.53 9.25 12.86
CA TRP A 8 -0.33 8.19 13.84
C TRP A 8 0.19 6.91 13.16
N GLY A 9 -0.25 6.64 11.94
CA GLY A 9 0.14 5.42 11.26
C GLY A 9 1.62 5.36 10.94
N LEU A 10 2.20 6.48 10.52
CA LEU A 10 3.63 6.55 10.32
C LEU A 10 4.37 6.30 11.62
N ALA A 11 3.98 6.99 12.69
CA ALA A 11 4.61 6.76 13.98
C ALA A 11 4.48 5.29 14.38
N ARG A 12 3.34 4.70 14.10
CA ARG A 12 3.11 3.31 14.51
C ARG A 12 4.06 2.35 13.82
N ILE A 13 4.32 2.58 12.53
CA ILE A 13 5.18 1.78 11.67
CA ILE A 13 5.12 1.61 11.83
C ILE A 13 6.59 1.69 12.20
N SER A 14 7.02 2.72 12.92
CA SER A 14 8.40 2.75 13.41
C SER A 14 8.48 2.62 14.93
N SER A 15 7.42 2.09 15.54
CA SER A 15 7.38 1.96 16.98
C SER A 15 7.07 0.56 17.48
N THR A 16 7.66 0.20 18.62
CA THR A 16 7.30 -1.00 19.35
C THR A 16 6.07 -0.80 20.24
N SER A 17 5.53 0.42 20.28
CA SER A 17 4.36 0.73 21.12
C SER A 17 3.39 1.66 20.40
N PRO A 18 2.08 1.50 20.65
CA PRO A 18 1.14 2.53 20.20
C PRO A 18 1.28 3.79 21.05
N GLY A 19 0.69 4.88 20.59
CA GLY A 19 0.58 6.06 21.42
C GLY A 19 1.70 7.07 21.28
N THR A 20 2.50 6.97 20.21
CA THR A 20 3.54 7.96 19.95
C THR A 20 3.24 8.70 18.66
N SER A 21 3.96 9.80 18.42
CA SER A 21 3.62 10.70 17.32
C SER A 21 4.79 11.11 16.43
N THR A 22 5.95 10.49 16.62
CA THR A 22 7.11 10.78 15.78
C THR A 22 7.43 9.57 14.93
N TYR A 23 7.64 9.79 13.63
CA TYR A 23 8.04 8.73 12.70
C TYR A 23 9.56 8.74 12.54
N TYR A 24 10.18 7.58 12.75
CA TYR A 24 11.63 7.42 12.64
C TYR A 24 11.94 6.47 11.49
N TYR A 25 12.88 6.88 10.63
CA TYR A 25 13.19 6.08 9.45
C TYR A 25 14.56 6.43 8.93
N ASP A 26 15.18 5.50 8.21
CA ASP A 26 16.46 5.77 7.59
C ASP A 26 16.31 6.78 6.45
N GLU A 27 17.20 7.77 6.40
CA GLU A 27 17.09 8.88 5.46
C GLU A 27 17.12 8.46 3.99
N SER A 28 17.57 7.26 3.69
CA SER A 28 17.50 6.77 2.31
C SER A 28 16.07 6.85 1.77
N ALA A 29 15.09 6.57 2.62
CA ALA A 29 13.68 6.90 2.37
C ALA A 29 13.10 6.36 1.06
N GLY A 30 13.55 5.16 0.68
CA GLY A 30 13.09 4.55 -0.55
C GLY A 30 13.61 5.16 -1.84
N GLN A 31 14.65 5.99 -1.76
CA GLN A 31 15.25 6.55 -2.96
C GLN A 31 15.75 5.42 -3.89
N GLY A 32 15.44 5.51 -5.17
CA GLY A 32 15.86 4.50 -6.12
C GLY A 32 14.89 3.34 -6.28
N SER A 33 13.83 3.33 -5.47
CA SER A 33 12.72 2.39 -5.65
C SER A 33 11.58 3.07 -6.40
N CYS A 34 10.59 2.26 -6.78
CA CYS A 34 9.39 2.75 -7.46
C CYS A 34 8.18 2.03 -6.90
N VAL A 35 7.10 2.78 -6.73
CA VAL A 35 5.82 2.20 -6.34
C VAL A 35 4.73 2.60 -7.31
N TYR A 36 4.09 1.59 -7.89
CA TYR A 36 2.92 1.80 -8.73
C TYR A 36 1.69 1.80 -7.87
N VAL A 37 0.85 2.83 -8.02
CA VAL A 37 -0.42 2.91 -7.30
C VAL A 37 -1.51 2.68 -8.33
N ILE A 38 -2.16 1.53 -8.23
CA ILE A 38 -3.10 1.08 -9.24
C ILE A 38 -4.48 1.38 -8.66
N ASP A 39 -5.11 2.44 -9.16
CA ASP A 39 -6.22 3.04 -8.41
C ASP A 39 -6.97 4.03 -9.30
N THR A 40 -7.51 5.11 -8.71
CA THR A 40 -8.25 6.13 -9.46
C THR A 40 -7.34 7.20 -10.07
N GLY A 41 -6.02 7.02 -9.96
CA GLY A 41 -5.06 8.01 -10.42
C GLY A 41 -4.32 8.67 -9.27
N ILE A 42 -3.46 9.64 -9.60
CA ILE A 42 -2.70 10.41 -8.63
C ILE A 42 -2.66 11.85 -9.11
N GLU A 43 -3.00 12.79 -8.23
CA GLU A 43 -2.81 14.21 -8.54
C GLU A 43 -1.34 14.55 -8.36
N ALA A 44 -0.57 14.32 -9.41
CA ALA A 44 0.89 14.44 -9.35
C ALA A 44 1.34 15.87 -9.05
N SER A 45 0.50 16.85 -9.38
CA SER A 45 0.86 18.25 -9.13
C SER A 45 0.81 18.65 -7.67
N HIS A 46 0.29 17.77 -6.81
CA HIS A 46 0.18 18.10 -5.39
C HIS A 46 1.58 18.40 -4.84
N PRO A 47 1.75 19.56 -4.15
CA PRO A 47 3.07 19.90 -3.60
C PRO A 47 3.69 18.78 -2.77
N GLU A 48 2.83 17.98 -2.16
CA GLU A 48 3.30 16.89 -1.30
C GLU A 48 4.11 15.83 -2.04
N PHE A 49 3.98 15.74 -3.36
CA PHE A 49 4.72 14.73 -4.13
C PHE A 49 6.06 15.22 -4.66
N GLU A 50 6.25 16.53 -4.68
CA GLU A 50 7.58 17.10 -4.95
C GLU A 50 8.15 16.74 -6.32
N GLY A 51 7.28 16.44 -7.29
CA GLY A 51 7.74 16.08 -8.61
C GLY A 51 8.10 14.61 -8.77
N ARG A 52 7.93 13.84 -7.69
CA ARG A 52 8.25 12.41 -7.69
C ARG A 52 7.09 11.52 -8.12
N ALA A 53 5.93 12.10 -8.38
CA ALA A 53 4.77 11.35 -8.87
C ALA A 53 4.48 11.67 -10.33
N GLN A 54 3.96 10.68 -11.04
CA GLN A 54 3.53 10.87 -12.42
CA GLN A 54 3.51 10.89 -12.41
C GLN A 54 2.50 9.82 -12.78
N MET A 55 1.56 10.19 -13.63
CA MET A 55 0.65 9.25 -14.23
C MET A 55 1.32 8.59 -15.42
N VAL A 56 1.25 7.27 -15.49
CA VAL A 56 1.84 6.51 -16.60
C VAL A 56 0.80 5.80 -17.47
N LYS A 57 -0.41 5.62 -16.96
CA LYS A 57 -1.44 4.90 -17.72
C LYS A 57 -2.83 5.21 -17.21
N THR A 58 -3.78 5.30 -18.14
CA THR A 58 -5.20 5.36 -17.81
C THR A 58 -5.99 4.59 -18.83
N TYR A 59 -7.16 4.12 -18.42
CA TYR A 59 -8.07 3.39 -19.31
C TYR A 59 -9.34 4.20 -19.55
N TYR A 60 -9.32 5.47 -19.15
CA TYR A 60 -10.47 6.37 -19.20
C TYR A 60 -10.12 7.67 -19.92
N TYR A 61 -11.07 8.58 -20.01
CA TYR A 61 -10.88 9.80 -20.81
C TYR A 61 -9.79 10.73 -20.25
N SER A 62 -9.42 10.55 -18.99
CA SER A 62 -8.35 11.35 -18.40
C SER A 62 -7.52 10.45 -17.49
N SER A 63 -6.28 10.87 -17.27
CA SER A 63 -5.44 10.25 -16.25
C SER A 63 -5.58 10.95 -14.92
N ARG A 64 -6.33 12.04 -14.86
CA ARG A 64 -6.53 12.76 -13.61
C ARG A 64 -7.32 11.94 -12.60
N ASP A 65 -6.95 12.08 -11.35
CA ASP A 65 -7.75 11.56 -10.23
C ASP A 65 -8.90 12.50 -9.92
N GLY A 66 -10.09 12.16 -10.43
CA GLY A 66 -11.28 12.93 -10.13
C GLY A 66 -12.02 12.47 -8.89
N ASN A 67 -11.42 11.53 -8.15
CA ASN A 67 -12.04 10.94 -6.97
C ASN A 67 -11.35 11.34 -5.68
N GLY A 68 -10.05 11.10 -5.62
CA GLY A 68 -9.29 11.35 -4.42
C GLY A 68 -8.62 10.11 -3.83
N HIS A 69 -9.28 8.97 -3.98
CA HIS A 69 -8.84 7.73 -3.34
C HIS A 69 -7.40 7.39 -3.71
N GLY A 70 -7.07 7.45 -5.00
CA GLY A 70 -5.74 7.10 -5.46
C GLY A 70 -4.69 8.06 -4.95
N THR A 71 -5.05 9.33 -4.91
CA THR A 71 -4.15 10.35 -4.41
C THR A 71 -3.87 10.15 -2.93
N HIS A 72 -4.89 9.76 -2.17
CA HIS A 72 -4.72 9.50 -0.74
C HIS A 72 -3.79 8.32 -0.54
N CYS A 73 -4.03 7.23 -1.26
CA CYS A 73 -3.15 6.06 -1.15
C CYS A 73 -1.72 6.39 -1.55
N ALA A 74 -1.55 7.08 -2.67
CA ALA A 74 -0.20 7.46 -3.10
C ALA A 74 0.48 8.33 -2.04
N GLY A 75 -0.27 9.20 -1.38
CA GLY A 75 0.29 10.03 -0.33
C GLY A 75 0.85 9.21 0.83
N THR A 76 0.15 8.14 1.17
CA THR A 76 0.61 7.27 2.25
C THR A 76 1.85 6.48 1.84
N VAL A 77 1.94 6.11 0.57
CA VAL A 77 3.16 5.47 0.10
C VAL A 77 4.34 6.42 0.21
N GLY A 78 4.20 7.61 -0.36
CA GLY A 78 5.37 8.41 -0.69
C GLY A 78 5.32 9.92 -0.61
N SER A 79 4.27 10.54 -0.05
CA SER A 79 4.30 12.00 0.10
C SER A 79 5.30 12.45 1.16
N ARG A 80 5.76 13.69 1.04
CA ARG A 80 6.77 14.21 1.97
C ARG A 80 6.28 14.18 3.43
N THR A 81 5.02 14.56 3.70
CA THR A 81 4.51 14.60 5.06
C THR A 81 3.78 13.31 5.44
N TYR A 82 3.03 12.75 4.52
CA TYR A 82 2.10 11.68 4.88
C TYR A 82 2.60 10.31 4.48
N GLY A 83 3.78 10.24 3.87
CA GLY A 83 4.27 9.00 3.29
C GLY A 83 5.30 8.23 4.09
N VAL A 84 5.30 6.92 3.88
CA VAL A 84 6.28 6.02 4.47
C VAL A 84 7.66 6.12 3.81
N ALA A 85 7.68 6.16 2.48
CA ALA A 85 8.90 6.12 1.68
C ALA A 85 8.98 7.45 0.94
N LYS A 86 9.56 8.42 1.62
CA LYS A 86 9.44 9.83 1.24
C LYS A 86 10.27 10.23 0.02
N LYS A 87 11.12 9.32 -0.47
CA LYS A 87 11.90 9.59 -1.67
C LYS A 87 11.68 8.59 -2.80
N THR A 88 10.65 7.74 -2.67
CA THR A 88 10.34 6.82 -3.76
C THR A 88 9.77 7.58 -4.97
N GLN A 89 9.79 6.93 -6.13
CA GLN A 89 9.11 7.40 -7.32
C GLN A 89 7.74 6.74 -7.37
N LEU A 90 6.71 7.54 -7.62
CA LEU A 90 5.33 7.07 -7.65
C LEU A 90 4.79 7.08 -9.07
N PHE A 91 4.22 5.96 -9.50
CA PHE A 91 3.66 5.84 -10.85
C PHE A 91 2.19 5.50 -10.73
N GLY A 92 1.35 6.34 -11.31
CA GLY A 92 -0.09 6.11 -11.25
C GLY A 92 -0.62 5.35 -12.44
N VAL A 93 -1.47 4.37 -12.16
CA VAL A 93 -2.15 3.58 -13.17
C VAL A 93 -3.63 3.63 -12.85
N LYS A 94 -4.39 4.34 -13.69
CA LYS A 94 -5.80 4.59 -13.41
C LYS A 94 -6.66 3.49 -14.01
N VAL A 95 -6.91 2.47 -13.20
CA VAL A 95 -7.83 1.39 -13.54
C VAL A 95 -9.23 1.63 -13.00
N LEU A 96 -9.37 2.58 -12.08
CA LEU A 96 -10.66 2.90 -11.47
C LEU A 96 -11.13 4.24 -11.99
N ASP A 97 -12.42 4.33 -12.29
CA ASP A 97 -13.00 5.58 -12.75
C ASP A 97 -13.16 6.57 -11.59
N ASP A 98 -13.70 7.74 -11.88
CA ASP A 98 -13.78 8.79 -10.86
C ASP A 98 -14.83 8.52 -9.81
N ASN A 99 -15.64 7.48 -10.01
CA ASN A 99 -16.55 7.02 -8.99
C ASN A 99 -15.93 5.89 -8.14
N GLY A 100 -14.67 5.54 -8.44
CA GLY A 100 -13.96 4.50 -7.71
C GLY A 100 -14.22 3.09 -8.17
N SER A 101 -14.85 2.94 -9.33
CA SER A 101 -15.24 1.63 -9.85
C SER A 101 -14.40 1.24 -11.05
N GLY A 102 -14.25 -0.06 -11.27
CA GLY A 102 -13.60 -0.53 -12.48
C GLY A 102 -13.96 -1.95 -12.80
N GLN A 103 -14.05 -2.25 -14.08
CA GLN A 103 -14.31 -3.60 -14.53
C GLN A 103 -13.09 -4.47 -14.27
N TYR A 104 -13.31 -5.73 -13.91
CA TYR A 104 -12.21 -6.62 -13.63
C TYR A 104 -11.24 -6.74 -14.82
N SER A 105 -11.76 -6.70 -16.04
CA SER A 105 -10.88 -6.78 -17.20
C SER A 105 -9.90 -5.63 -17.28
N THR A 106 -10.34 -4.44 -16.90
CA THR A 106 -9.48 -3.26 -16.88
C THR A 106 -8.45 -3.37 -15.78
N ILE A 107 -8.88 -3.86 -14.61
CA ILE A 107 -7.97 -4.03 -13.50
C ILE A 107 -6.86 -5.04 -13.86
N ILE A 108 -7.24 -6.14 -14.50
CA ILE A 108 -6.28 -7.14 -14.96
C ILE A 108 -5.31 -6.52 -15.94
N ALA A 109 -5.82 -5.79 -16.91
CA ALA A 109 -4.93 -5.14 -17.88
C ALA A 109 -3.94 -4.21 -17.17
N GLY A 110 -4.40 -3.47 -16.16
CA GLY A 110 -3.48 -2.62 -15.41
C GLY A 110 -2.39 -3.35 -14.69
N MET A 111 -2.69 -4.52 -14.12
CA MET A 111 -1.66 -5.33 -13.47
C MET A 111 -0.64 -5.82 -14.49
N ASP A 112 -1.11 -6.35 -15.62
CA ASP A 112 -0.17 -6.82 -16.63
C ASP A 112 0.62 -5.65 -17.20
N PHE A 113 -0.01 -4.48 -17.29
CA PHE A 113 0.70 -3.27 -17.70
C PHE A 113 1.89 -3.01 -16.79
N VAL A 114 1.69 -3.06 -15.48
CA VAL A 114 2.79 -2.77 -14.56
C VAL A 114 3.91 -3.80 -14.71
N ALA A 115 3.56 -5.06 -14.90
CA ALA A 115 4.57 -6.10 -15.00
C ALA A 115 5.52 -5.81 -16.16
N SER A 116 4.99 -5.26 -17.25
CA SER A 116 5.82 -4.89 -18.39
C SER A 116 6.43 -3.50 -18.24
N ASP A 117 5.64 -2.55 -17.78
CA ASP A 117 6.07 -1.16 -17.76
C ASP A 117 7.25 -0.90 -16.85
N LYS A 118 7.44 -1.72 -15.84
CA LYS A 118 8.59 -1.51 -14.97
C LYS A 118 9.89 -1.57 -15.79
N ASN A 119 9.86 -2.28 -16.91
CA ASN A 119 11.02 -2.34 -17.79
C ASN A 119 11.27 -1.03 -18.53
N ASN A 120 10.35 -0.08 -18.40
CA ASN A 120 10.51 1.25 -18.96
C ASN A 120 10.88 2.31 -17.93
N ARG A 121 11.14 1.88 -16.71
CA ARG A 121 11.38 2.81 -15.62
C ARG A 121 12.71 2.49 -14.96
N ASN A 122 13.25 3.47 -14.26
CA ASN A 122 14.49 3.30 -13.52
C ASN A 122 14.23 3.10 -12.04
N CYS A 123 14.39 1.86 -11.60
CA CYS A 123 14.03 1.44 -10.25
C CYS A 123 15.11 0.49 -9.74
N PRO A 124 16.34 0.98 -9.61
CA PRO A 124 17.44 0.06 -9.29
C PRO A 124 17.29 -0.65 -7.94
N LYS A 125 16.52 -0.05 -7.03
CA LYS A 125 16.32 -0.67 -5.71
C LYS A 125 15.09 -1.55 -5.66
N GLY A 126 14.30 -1.58 -6.72
CA GLY A 126 13.16 -2.47 -6.78
C GLY A 126 11.83 -1.79 -7.02
N VAL A 127 10.84 -2.63 -7.28
CA VAL A 127 9.52 -2.21 -7.72
C VAL A 127 8.45 -2.81 -6.83
N VAL A 128 7.48 -1.97 -6.47
CA VAL A 128 6.34 -2.34 -5.64
C VAL A 128 5.05 -1.91 -6.35
N ALA A 129 3.97 -2.64 -6.13
CA ALA A 129 2.64 -2.22 -6.59
C ALA A 129 1.68 -2.27 -5.43
N SER A 130 0.90 -1.19 -5.29
CA SER A 130 -0.09 -1.06 -4.23
C SER A 130 -1.50 -1.09 -4.86
N LEU A 131 -2.30 -2.07 -4.44
CA LEU A 131 -3.64 -2.30 -4.97
CA LEU A 131 -3.63 -2.31 -4.97
C LEU A 131 -4.69 -2.18 -3.88
N SER A 132 -5.18 -0.96 -3.70
CA SER A 132 -6.24 -0.68 -2.74
C SER A 132 -7.60 -0.82 -3.42
N LEU A 133 -7.89 -2.04 -3.84
CA LEU A 133 -9.09 -2.34 -4.60
C LEU A 133 -9.37 -3.81 -4.50
N GLY A 134 -10.58 -4.19 -4.87
CA GLY A 134 -10.93 -5.59 -4.89
C GLY A 134 -12.40 -5.80 -5.10
N GLY A 135 -12.77 -7.07 -5.17
CA GLY A 135 -14.15 -7.47 -5.33
C GLY A 135 -14.29 -8.93 -4.96
N GLY A 136 -15.37 -9.54 -5.43
CA GLY A 136 -15.60 -10.95 -5.15
C GLY A 136 -14.53 -11.84 -5.76
N TYR A 137 -14.46 -13.07 -5.26
CA TYR A 137 -13.46 -14.01 -5.73
C TYR A 137 -13.48 -14.15 -7.26
N SER A 138 -12.29 -14.04 -7.84
CA SER A 138 -12.09 -14.27 -9.27
C SER A 138 -10.72 -14.89 -9.48
N SER A 139 -10.68 -16.09 -10.05
CA SER A 139 -9.41 -16.73 -10.31
C SER A 139 -8.57 -15.93 -11.30
N SER A 140 -9.22 -15.27 -12.26
CA SER A 140 -8.50 -14.46 -13.25
CA SER A 140 -8.49 -14.48 -13.24
C SER A 140 -7.85 -13.24 -12.59
N VAL A 141 -8.54 -12.61 -11.66
CA VAL A 141 -7.96 -11.47 -10.95
C VAL A 141 -6.80 -11.92 -10.09
N ASN A 142 -6.96 -13.04 -9.38
CA ASN A 142 -5.88 -13.55 -8.56
C ASN A 142 -4.67 -13.91 -9.42
N SER A 143 -4.92 -14.54 -10.57
CA SER A 143 -3.85 -14.94 -11.47
CA SER A 143 -3.83 -14.94 -11.46
C SER A 143 -3.07 -13.72 -11.97
N ALA A 144 -3.77 -12.63 -12.25
CA ALA A 144 -3.10 -11.41 -12.69
C ALA A 144 -2.20 -10.87 -11.58
N ALA A 145 -2.68 -10.90 -10.35
CA ALA A 145 -1.88 -10.43 -9.22
C ALA A 145 -0.66 -11.33 -9.04
N ALA A 146 -0.85 -12.64 -9.22
CA ALA A 146 0.23 -13.59 -9.13
C ALA A 146 1.27 -13.35 -10.22
N ARG A 147 0.82 -13.05 -11.46
CA ARG A 147 1.78 -12.76 -12.53
C ARG A 147 2.60 -11.53 -12.20
N LEU A 148 1.94 -10.49 -11.70
CA LEU A 148 2.65 -9.25 -11.40
C LEU A 148 3.75 -9.51 -10.37
N GLN A 149 3.39 -10.26 -9.32
CA GLN A 149 4.36 -10.66 -8.30
C GLN A 149 5.50 -11.48 -8.92
N SER A 150 5.15 -12.48 -9.71
CA SER A 150 6.13 -13.34 -10.34
C SER A 150 7.14 -12.56 -11.18
N SER A 151 6.65 -11.49 -11.81
CA SER A 151 7.47 -10.69 -12.70
C SER A 151 8.54 -9.88 -11.98
N GLY A 152 8.50 -9.87 -10.64
CA GLY A 152 9.50 -9.16 -9.87
C GLY A 152 9.02 -7.87 -9.21
N VAL A 153 7.72 -7.80 -8.95
CA VAL A 153 7.12 -6.67 -8.28
C VAL A 153 6.57 -7.13 -6.93
N MET A 154 6.85 -6.36 -5.89
CA MET A 154 6.26 -6.64 -4.58
C MET A 154 4.82 -6.16 -4.61
N VAL A 155 3.87 -7.10 -4.58
CA VAL A 155 2.46 -6.75 -4.71
C VAL A 155 1.80 -6.75 -3.33
N ALA A 156 1.26 -5.59 -2.96
CA ALA A 156 0.50 -5.44 -1.73
C ALA A 156 -0.94 -5.14 -2.09
N VAL A 157 -1.89 -5.89 -1.52
CA VAL A 157 -3.30 -5.75 -1.84
C VAL A 157 -4.12 -5.60 -0.57
N ALA A 158 -5.20 -4.84 -0.68
CA ALA A 158 -6.13 -4.67 0.44
C ALA A 158 -6.92 -5.94 0.75
N ALA A 159 -7.10 -6.23 2.04
CA ALA A 159 -7.86 -7.41 2.43
C ALA A 159 -9.34 -7.25 2.14
N GLY A 160 -9.82 -5.99 2.14
CA GLY A 160 -11.24 -5.69 2.00
C GLY A 160 -11.88 -5.23 3.29
N ASN A 161 -13.07 -4.63 3.16
CA ASN A 161 -13.70 -3.87 4.24
C ASN A 161 -15.06 -4.41 4.66
N ASN A 162 -15.20 -5.72 4.65
CA ASN A 162 -16.48 -6.37 4.89
C ASN A 162 -16.60 -7.03 6.27
N ASN A 163 -15.58 -6.89 7.10
CA ASN A 163 -15.48 -7.64 8.36
C ASN A 163 -15.83 -9.09 8.11
N ALA A 164 -15.17 -9.66 7.10
CA ALA A 164 -15.43 -11.01 6.66
C ALA A 164 -14.12 -11.71 6.31
N ASP A 165 -14.20 -13.01 6.03
CA ASP A 165 -13.02 -13.75 5.62
C ASP A 165 -12.63 -13.37 4.20
N ALA A 166 -11.38 -12.91 4.07
CA ALA A 166 -10.86 -12.42 2.80
C ALA A 166 -10.68 -13.52 1.75
N ARG A 167 -10.86 -14.78 2.13
CA ARG A 167 -10.77 -15.88 1.16
C ARG A 167 -11.76 -15.71 0.02
N ASN A 168 -12.82 -14.93 0.25
CA ASN A 168 -13.88 -14.76 -0.75
C ASN A 168 -13.76 -13.50 -1.57
N TYR A 169 -12.59 -12.87 -1.52
CA TYR A 169 -12.35 -11.62 -2.23
C TYR A 169 -11.06 -11.72 -3.06
N SER A 170 -11.01 -10.97 -4.16
CA SER A 170 -9.85 -10.94 -5.04
C SER A 170 -9.46 -9.49 -5.34
N PRO A 171 -8.15 -9.20 -5.39
CA PRO A 171 -7.04 -10.15 -5.28
C PRO A 171 -6.62 -10.54 -3.85
N ALA A 172 -7.39 -10.15 -2.83
CA ALA A 172 -7.01 -10.44 -1.45
C ALA A 172 -6.68 -11.92 -1.22
N SER A 173 -7.42 -12.79 -1.89
CA SER A 173 -7.29 -14.21 -1.62
C SER A 173 -6.12 -14.89 -2.35
N GLU A 174 -5.40 -14.16 -3.17
CA GLU A 174 -4.25 -14.75 -3.88
C GLU A 174 -3.12 -15.01 -2.89
N PRO A 175 -2.67 -16.28 -2.79
CA PRO A 175 -1.67 -16.55 -1.75
C PRO A 175 -0.29 -15.92 -1.96
N SER A 176 0.09 -15.68 -3.22
CA SER A 176 1.46 -15.26 -3.51
C SER A 176 1.71 -13.75 -3.38
N VAL A 177 0.68 -12.98 -3.09
CA VAL A 177 0.81 -11.53 -2.90
C VAL A 177 0.59 -11.22 -1.42
N CYS A 178 0.89 -9.98 -1.04
CA CYS A 178 0.87 -9.59 0.36
C CYS A 178 -0.49 -8.96 0.67
N THR A 179 -1.31 -9.67 1.43
CA THR A 179 -2.65 -9.23 1.72
C THR A 179 -2.71 -8.53 3.07
N VAL A 180 -3.21 -7.29 3.06
CA VAL A 180 -3.08 -6.35 4.16
C VAL A 180 -4.41 -6.03 4.85
N GLY A 181 -4.50 -6.35 6.13
CA GLY A 181 -5.61 -5.95 6.97
C GLY A 181 -5.36 -4.59 7.61
N ALA A 182 -6.38 -4.04 8.26
CA ALA A 182 -6.29 -2.71 8.87
C ALA A 182 -6.42 -2.71 10.37
N SER A 183 -5.62 -1.87 11.02
CA SER A 183 -5.70 -1.63 12.46
C SER A 183 -5.95 -0.15 12.78
N ASP A 184 -6.33 0.11 14.02
CA ASP A 184 -6.50 1.49 14.48
C ASP A 184 -5.40 1.92 15.49
N ARG A 185 -5.46 3.16 15.92
CA ARG A 185 -4.36 3.74 16.67
C ARG A 185 -4.24 3.17 18.09
N TYR A 186 -5.25 2.40 18.51
CA TYR A 186 -5.20 1.72 19.79
C TYR A 186 -4.86 0.24 19.62
N ASP A 187 -4.32 -0.12 18.47
CA ASP A 187 -3.91 -1.48 18.18
C ASP A 187 -5.07 -2.46 18.21
N ARG A 188 -6.24 -2.00 17.78
CA ARG A 188 -7.39 -2.87 17.58
C ARG A 188 -7.54 -3.16 16.09
N ARG A 189 -7.96 -4.37 15.74
CA ARG A 189 -8.36 -4.62 14.36
C ARG A 189 -9.43 -3.58 13.99
N SER A 190 -9.26 -2.93 12.85
CA SER A 190 -10.29 -1.97 12.42
C SER A 190 -11.62 -2.69 12.29
N SER A 191 -12.70 -1.97 12.60
CA SER A 191 -14.02 -2.59 12.69
C SER A 191 -14.47 -3.26 11.40
N PHE A 192 -14.04 -2.70 10.28
CA PHE A 192 -14.43 -3.14 8.94
C PHE A 192 -13.42 -4.10 8.33
N SER A 193 -12.27 -4.30 8.96
CA SER A 193 -11.22 -5.05 8.26
C SER A 193 -11.59 -6.50 8.03
N ASN A 194 -11.41 -6.98 6.81
CA ASN A 194 -11.45 -8.43 6.61
C ASN A 194 -10.32 -9.10 7.39
N TYR A 195 -10.44 -10.42 7.50
CA TYR A 195 -9.54 -11.25 8.27
C TYR A 195 -9.42 -12.59 7.55
N GLY A 196 -8.76 -13.54 8.19
CA GLY A 196 -8.63 -14.87 7.64
C GLY A 196 -7.19 -15.29 7.42
N SER A 197 -7.01 -16.57 7.12
CA SER A 197 -5.71 -17.17 6.87
C SER A 197 -4.97 -16.53 5.69
N VAL A 198 -5.70 -15.94 4.74
CA VAL A 198 -5.03 -15.36 3.58
C VAL A 198 -4.33 -14.05 3.89
N LEU A 199 -4.67 -13.39 5.00
CA LEU A 199 -3.94 -12.19 5.38
C LEU A 199 -2.50 -12.49 5.73
N ASP A 200 -1.62 -11.57 5.36
CA ASP A 200 -0.20 -11.70 5.66
C ASP A 200 0.26 -10.72 6.74
N ILE A 201 -0.43 -9.60 6.87
CA ILE A 201 0.06 -8.48 7.67
C ILE A 201 -1.08 -7.50 7.91
N PHE A 202 -0.96 -6.74 9.00
CA PHE A 202 -1.84 -5.59 9.26
C PHE A 202 -1.03 -4.30 9.17
N GLY A 203 -1.70 -3.25 8.73
CA GLY A 203 -1.12 -1.91 8.78
C GLY A 203 -2.17 -0.91 9.22
N PRO A 204 -1.73 0.32 9.54
CA PRO A 204 -2.67 1.36 9.98
C PRO A 204 -3.75 1.67 8.94
N GLY A 205 -5.01 1.57 9.32
CA GLY A 205 -6.08 1.80 8.37
C GLY A 205 -7.28 2.62 8.86
N THR A 206 -7.33 2.95 10.14
CA THR A 206 -8.41 3.78 10.67
C THR A 206 -7.92 5.20 10.93
N ASP A 207 -8.64 6.16 10.34
CA ASP A 207 -8.36 7.57 10.52
C ASP A 207 -6.94 7.94 10.08
N ILE A 208 -6.69 7.76 8.78
CA ILE A 208 -5.38 7.98 8.17
C ILE A 208 -5.38 9.28 7.37
N LEU A 209 -4.56 10.22 7.83
CA LEU A 209 -4.40 11.52 7.17
C LEU A 209 -3.44 11.38 5.99
N SER A 210 -3.86 11.86 4.82
CA SER A 210 -3.01 11.86 3.64
C SER A 210 -3.49 12.92 2.66
N THR A 211 -2.83 12.96 1.51
CA THR A 211 -3.14 13.86 0.42
C THR A 211 -4.53 13.60 -0.17
N TRP A 212 -5.12 14.66 -0.71
CA TRP A 212 -6.36 14.56 -1.46
C TRP A 212 -6.30 15.49 -2.66
N ILE A 213 -7.24 15.32 -3.56
CA ILE A 213 -7.28 16.14 -4.77
C ILE A 213 -7.59 17.59 -4.45
N GLY A 214 -7.30 18.46 -5.40
CA GLY A 214 -7.37 19.90 -5.17
C GLY A 214 -6.29 20.41 -4.24
N GLY A 215 -5.17 19.71 -4.17
CA GLY A 215 -4.05 20.15 -3.35
C GLY A 215 -4.36 20.16 -1.87
N SER A 216 -5.22 19.25 -1.44
CA SER A 216 -5.75 19.24 -0.09
CA SER A 216 -5.74 19.26 -0.07
C SER A 216 -5.27 18.02 0.70
N THR A 217 -5.85 17.82 1.88
CA THR A 217 -5.58 16.66 2.72
C THR A 217 -6.86 16.26 3.40
N ARG A 218 -6.99 14.99 3.75
CA ARG A 218 -8.06 14.54 4.62
C ARG A 218 -7.74 13.20 5.25
N SER A 219 -8.54 12.85 6.26
CA SER A 219 -8.41 11.59 6.97
C SER A 219 -9.58 10.70 6.59
N ILE A 220 -9.26 9.50 6.09
CA ILE A 220 -10.26 8.47 5.79
C ILE A 220 -9.76 7.11 6.28
N SER A 221 -10.62 6.11 6.20
CA SER A 221 -10.36 4.79 6.77
C SER A 221 -10.60 3.71 5.75
N GLY A 222 -9.85 2.63 5.86
CA GLY A 222 -10.09 1.44 5.05
C GLY A 222 -8.87 0.56 5.00
N THR A 223 -9.06 -0.68 4.54
CA THR A 223 -7.90 -1.49 4.19
C THR A 223 -7.17 -0.85 3.00
N SER A 224 -7.83 0.05 2.28
CA SER A 224 -7.18 0.84 1.23
C SER A 224 -6.07 1.71 1.77
N MET A 225 -6.19 2.12 3.03
CA MET A 225 -5.20 2.97 3.68
C MET A 225 -4.08 2.15 4.31
N ALA A 226 -4.39 0.95 4.75
CA ALA A 226 -3.39 0.07 5.33
C ALA A 226 -2.39 -0.42 4.27
N THR A 227 -2.92 -0.76 3.10
CA THR A 227 -2.15 -1.32 2.00
C THR A 227 -0.94 -0.45 1.62
N PRO A 228 -1.14 0.86 1.39
CA PRO A 228 0.01 1.69 1.00
C PRO A 228 1.05 1.88 2.11
N HIS A 229 0.67 1.69 3.38
CA HIS A 229 1.69 1.69 4.43
C HIS A 229 2.64 0.53 4.18
N VAL A 230 2.08 -0.64 3.84
CA VAL A 230 2.89 -1.82 3.60
C VAL A 230 3.69 -1.70 2.30
N ALA A 231 3.06 -1.16 1.26
CA ALA A 231 3.76 -0.94 -0.01
C ALA A 231 4.94 0.02 0.18
N GLY A 232 4.71 1.13 0.86
CA GLY A 232 5.78 2.06 1.14
C GLY A 232 6.87 1.43 2.00
N LEU A 233 6.47 0.65 3.00
CA LEU A 233 7.45 -0.05 3.83
C LEU A 233 8.33 -0.99 2.99
N ALA A 234 7.71 -1.74 2.09
CA ALA A 234 8.46 -2.62 1.22
C ALA A 234 9.49 -1.83 0.41
N ALA A 235 9.08 -0.72 -0.19
CA ALA A 235 9.98 0.09 -1.00
C ALA A 235 11.16 0.58 -0.16
N TYR A 236 10.84 1.05 1.04
CA TYR A 236 11.85 1.49 1.99
C TYR A 236 12.83 0.39 2.36
N LEU A 237 12.34 -0.81 2.65
CA LEU A 237 13.22 -1.90 3.02
C LEU A 237 14.06 -2.40 1.85
N MET A 238 13.49 -2.37 0.65
CA MET A 238 14.20 -2.76 -0.55
C MET A 238 15.34 -1.78 -0.84
N THR A 239 15.08 -0.49 -0.67
CA THR A 239 16.14 0.51 -0.82
C THR A 239 17.28 0.28 0.17
N LEU A 240 16.94 -0.15 1.38
CA LEU A 240 17.96 -0.45 2.38
C LEU A 240 18.73 -1.73 2.09
N GLY A 241 18.25 -2.50 1.12
CA GLY A 241 18.87 -3.77 0.79
C GLY A 241 18.56 -4.91 1.75
N LYS A 242 17.54 -4.73 2.59
CA LYS A 242 17.24 -5.76 3.58
CA LYS A 242 17.17 -5.73 3.60
C LYS A 242 16.37 -6.89 3.03
N THR A 243 15.74 -6.66 1.87
CA THR A 243 14.87 -7.67 1.29
C THR A 243 14.70 -7.38 -0.21
N THR A 244 13.93 -8.21 -0.89
CA THR A 244 13.71 -8.10 -2.32
C THR A 244 12.21 -8.16 -2.61
N ALA A 245 11.81 -7.89 -3.84
CA ALA A 245 10.40 -7.92 -4.20
C ALA A 245 9.78 -9.28 -3.91
N ALA A 246 10.51 -10.35 -4.18
CA ALA A 246 9.99 -11.70 -3.98
C ALA A 246 9.91 -12.11 -2.51
N SER A 247 10.71 -11.47 -1.66
CA SER A 247 10.78 -11.89 -0.26
C SER A 247 10.26 -10.87 0.76
N ALA A 248 9.83 -9.71 0.28
CA ALA A 248 9.51 -8.61 1.18
C ALA A 248 8.31 -8.87 2.07
N CYS A 249 7.28 -9.50 1.55
CA CYS A 249 6.11 -9.77 2.37
C CYS A 249 6.51 -10.67 3.55
N ARG A 250 7.26 -11.74 3.24
CA ARG A 250 7.75 -12.63 4.29
C ARG A 250 8.66 -11.89 5.28
N TYR A 251 9.52 -11.02 4.77
CA TYR A 251 10.41 -10.25 5.62
C TYR A 251 9.62 -9.32 6.55
N ILE A 252 8.61 -8.66 5.99
CA ILE A 252 7.76 -7.79 6.79
C ILE A 252 7.05 -8.61 7.88
N ALA A 253 6.55 -9.79 7.54
CA ALA A 253 5.93 -10.64 8.54
C ALA A 253 6.95 -11.10 9.59
N ASP A 254 8.17 -11.44 9.14
CA ASP A 254 9.22 -11.89 10.05
C ASP A 254 9.55 -10.81 11.10
N THR A 255 9.54 -9.56 10.67
CA THR A 255 10.04 -8.46 11.48
C THR A 255 8.90 -7.64 12.10
N ALA A 256 7.67 -8.09 11.92
CA ALA A 256 6.49 -7.38 12.43
C ALA A 256 6.45 -7.33 13.94
N ASN A 257 5.70 -6.39 14.48
CA ASN A 257 5.28 -6.46 15.89
C ASN A 257 4.25 -7.58 16.01
N LYS A 258 4.51 -8.51 16.92
CA LYS A 258 3.75 -9.75 17.03
C LYS A 258 2.87 -9.76 18.28
N GLY A 259 1.60 -10.13 18.08
CA GLY A 259 0.73 -10.40 19.20
C GLY A 259 0.20 -9.16 19.88
N ASP A 260 0.27 -8.00 19.21
CA ASP A 260 -0.07 -6.73 19.86
C ASP A 260 -1.45 -6.20 19.51
N LEU A 261 -2.11 -6.81 18.53
CA LEU A 261 -3.43 -6.34 18.10
C LEU A 261 -4.55 -7.07 18.81
N SER A 262 -5.62 -6.36 19.10
CA SER A 262 -6.81 -6.94 19.70
C SER A 262 -7.89 -7.22 18.65
N ASN A 263 -8.77 -8.15 19.00
CA ASN A 263 -9.84 -8.63 18.13
C ASN A 263 -9.36 -9.22 16.81
N ILE A 264 -8.22 -9.91 16.86
CA ILE A 264 -7.76 -10.74 15.75
C ILE A 264 -8.39 -12.12 15.90
N PRO A 265 -9.22 -12.53 14.92
CA PRO A 265 -9.85 -13.84 15.05
C PRO A 265 -8.84 -14.97 15.06
N PHE A 266 -9.17 -16.03 15.80
CA PHE A 266 -8.35 -17.22 15.84
C PHE A 266 -8.06 -17.66 14.41
N GLY A 267 -6.79 -17.90 14.08
CA GLY A 267 -6.41 -18.32 12.74
C GLY A 267 -5.96 -17.22 11.77
N THR A 268 -6.08 -15.97 12.20
CA THR A 268 -5.59 -14.82 11.45
C THR A 268 -4.29 -14.37 12.09
N VAL A 269 -3.30 -13.98 11.28
CA VAL A 269 -2.02 -13.51 11.85
C VAL A 269 -2.23 -12.28 12.72
N ASN A 270 -1.48 -12.23 13.80
CA ASN A 270 -1.45 -11.07 14.67
C ASN A 270 -0.08 -10.41 14.49
N LEU A 271 0.05 -9.72 13.36
CA LEU A 271 1.30 -9.13 12.91
C LEU A 271 1.03 -7.73 12.39
N LEU A 272 1.78 -6.76 12.92
CA LEU A 272 1.62 -5.36 12.58
C LEU A 272 2.92 -4.86 11.95
N ALA A 273 2.80 -4.28 10.76
CA ALA A 273 3.97 -3.84 10.01
C ALA A 273 4.86 -2.90 10.84
N TYR A 274 6.17 -3.12 10.75
CA TYR A 274 7.13 -2.44 11.59
C TYR A 274 8.46 -2.34 10.85
N ASN A 275 9.06 -1.15 10.81
CA ASN A 275 10.29 -0.94 10.04
C ASN A 275 11.56 -1.32 10.79
N ASN A 276 11.44 -1.64 12.08
CA ASN A 276 12.59 -2.05 12.88
C ASN A 276 13.77 -1.08 12.73
N TYR A 277 13.45 0.20 12.61
CA TYR A 277 14.49 1.21 12.47
C TYR A 277 15.00 1.57 13.84
N GLN A 278 16.31 1.46 14.04
CA GLN A 278 16.91 1.88 15.28
C GLN A 278 17.68 3.15 14.99
N ALA A 279 17.16 4.28 15.47
CA ALA A 279 17.76 5.59 15.23
C ALA A 279 19.17 5.60 15.77
S SO4 B . -11.75 2.38 1.50
O1 SO4 B . -11.20 3.63 2.07
O2 SO4 B . -10.91 1.21 1.87
O3 SO4 B . -11.70 2.62 0.05
O4 SO4 B . -13.12 2.21 1.99
S SO4 C . -5.10 14.13 -19.18
O1 SO4 C . -4.19 15.01 -18.43
O2 SO4 C . -4.91 12.74 -18.77
O3 SO4 C . -6.49 14.55 -18.92
O4 SO4 C . -4.81 14.28 -20.61
N1 PYZ D . -11.20 -6.04 -1.50
N2 PYZ D . -12.43 -5.49 -1.68
C3 PYZ D . -12.36 -4.08 -1.53
C4 PYZ D . -11.05 -3.75 -1.26
I4 PYZ D . -10.28 -1.88 -0.93
C5 PYZ D . -10.33 -5.01 -1.24
HN1 PYZ D . -13.28 -6.00 -1.88
H3 PYZ D . -13.24 -3.48 -1.63
H5 PYZ D . -9.29 -5.14 -1.06
N1 PYZ E . -1.44 -17.32 2.41
N2 PYZ E . -0.19 -16.81 2.48
C3 PYZ E . -0.15 -15.53 1.87
C4 PYZ E . -1.41 -15.20 1.44
I4 PYZ E . -2.00 -13.34 0.44
C5 PYZ E . -2.21 -16.35 1.79
HN1 PYZ E . 0.62 -17.28 2.86
H3 PYZ E . 0.78 -15.00 1.83
H5 PYZ E . -3.26 -16.48 1.61
N1 PYZ F . -14.11 -9.03 -9.61
N2 PYZ F . -13.65 -9.58 -8.46
C3 PYZ F . -12.56 -8.82 -7.96
C4 PYZ F . -12.36 -7.78 -8.86
I4 PYZ F . -10.96 -6.36 -8.75
C5 PYZ F . -13.35 -7.92 -9.87
HN1 PYZ F . -14.02 -10.40 -8.02
H3 PYZ F . -12.06 -9.12 -7.06
H5 PYZ F . -13.48 -7.30 -10.73
I IOD G . -2.44 3.84 23.45
I IOD H . 2.35 -17.11 -13.01
#